data_5VIA
#
_entry.id   5VIA
#
_cell.length_a   63.680
_cell.length_b   63.680
_cell.length_c   152.490
_cell.angle_alpha   90.00
_cell.angle_beta   90.00
_cell.angle_gamma   90.00
#
_symmetry.space_group_name_H-M   'P 41 21 2'
#
loop_
_entity.id
_entity.type
_entity.pdbx_description
1 polymer Pseudoperoxidase
2 non-polymer 'PROTOPORPHYRIN IX CONTAINING FE'
3 water water
#
_entity_poly.entity_id   1
_entity_poly.type   'polypeptide(L)'
_entity_poly.pdbx_seq_one_letter_code
;MFVEVDESKIKPKYAREDVVASACKQFEFRPDLAATSIRTAFVLAARRAGFPAETVDESCAVVRGLDDVAGIMNYLSSTY
PASSTEDVASLAAIAGIKYLNGPYEAILDQWRWGRNDSDTAPTRNIPKNPNQNVFSIPTILHALGGLTEAECVALLACHS
VGEFHENVSGLESATHTGRRYTLNNRYYQFLLEHERAFAPLTVARTQYNKEVATLPQTLRCVYVKENTNGKAKKRQCVVN
AAELELLKNKTWRELVVRYAADEELWREQFQSAFTKMIESNFKRLRPYSDPNSA
;
_entity_poly.pdbx_strand_id   A
#
loop_
_chem_comp.id
_chem_comp.type
_chem_comp.name
_chem_comp.formula
HEM non-polymer 'PROTOPORPHYRIN IX CONTAINING FE' 'C34 H32 Fe N4 O4'
#
# COMPACT_ATOMS: atom_id res chain seq x y z
N LYS A 9 15.09 15.08 -23.51
CA LYS A 9 14.06 16.10 -23.40
C LYS A 9 13.48 16.17 -21.99
N ILE A 10 14.09 17.02 -21.14
CA ILE A 10 13.58 17.28 -19.79
C ILE A 10 12.20 17.94 -19.87
N LYS A 11 11.25 17.23 -20.48
CA LYS A 11 10.00 17.81 -20.94
C LYS A 11 8.80 16.90 -20.69
N PRO A 12 8.33 16.82 -19.43
CA PRO A 12 6.99 16.28 -19.24
C PRO A 12 5.99 17.22 -19.90
N LYS A 13 4.88 16.71 -20.44
CA LYS A 13 3.89 17.55 -21.08
C LYS A 13 3.08 18.30 -20.04
N TYR A 14 2.90 17.66 -18.88
CA TYR A 14 2.05 18.19 -17.82
C TYR A 14 2.83 18.49 -16.55
N ALA A 15 2.22 19.30 -15.69
CA ALA A 15 2.74 19.52 -14.34
C ALA A 15 2.24 18.40 -13.44
N ARG A 16 3.15 17.82 -12.65
CA ARG A 16 2.81 16.70 -11.78
C ARG A 16 1.77 17.06 -10.72
N GLU A 17 1.68 18.33 -10.35
CA GLU A 17 0.73 18.77 -9.34
C GLU A 17 -0.69 18.84 -9.90
N ASP A 18 -0.81 19.06 -11.20
CA ASP A 18 -2.11 19.07 -11.87
C ASP A 18 -2.74 17.68 -11.81
N VAL A 19 -1.92 16.66 -12.07
CA VAL A 19 -2.40 15.28 -12.04
C VAL A 19 -2.81 14.94 -10.61
N VAL A 20 -1.95 15.28 -9.66
CA VAL A 20 -2.26 15.11 -8.25
C VAL A 20 -3.56 15.83 -7.84
N ALA A 21 -3.76 17.05 -8.33
CA ALA A 21 -4.95 17.80 -7.98
C ALA A 21 -6.21 17.18 -8.57
N SER A 22 -6.10 16.69 -9.80
CA SER A 22 -7.22 16.04 -10.48
C SER A 22 -7.62 14.74 -9.77
N ALA A 23 -6.64 13.98 -9.31
CA ALA A 23 -6.95 12.78 -8.54
C ALA A 23 -7.62 13.12 -7.21
N CYS A 24 -7.10 14.15 -6.52
CA CYS A 24 -7.66 14.59 -5.25
C CYS A 24 -9.15 14.96 -5.34
N LYS A 25 -9.53 15.60 -6.44
CA LYS A 25 -10.93 15.99 -6.63
C LYS A 25 -11.82 14.75 -6.74
N GLN A 26 -11.32 13.72 -7.40
CA GLN A 26 -12.03 12.45 -7.49
C GLN A 26 -12.23 11.85 -6.10
N PHE A 27 -11.16 11.91 -5.29
CA PHE A 27 -11.19 11.42 -3.91
C PHE A 27 -12.17 12.21 -3.06
N GLU A 28 -12.45 13.45 -3.43
CA GLU A 28 -13.39 14.26 -2.68
C GLU A 28 -14.82 13.70 -2.74
N PHE A 29 -15.15 13.01 -3.83
CA PHE A 29 -16.47 12.38 -3.97
C PHE A 29 -16.45 10.90 -3.61
N ARG A 30 -15.29 10.27 -3.80
CA ARG A 30 -15.08 8.87 -3.43
C ARG A 30 -13.89 8.78 -2.47
N PRO A 31 -14.10 9.20 -1.21
CA PRO A 31 -13.02 9.26 -0.21
C PRO A 31 -12.37 7.92 0.05
N ASP A 32 -13.10 6.83 -0.19
CA ASP A 32 -12.60 5.49 0.07
C ASP A 32 -11.53 5.07 -0.91
N LEU A 33 -11.52 5.69 -2.10
CA LEU A 33 -10.60 5.30 -3.16
C LEU A 33 -9.20 5.89 -3.00
N ALA A 34 -9.03 6.79 -2.04
CA ALA A 34 -7.69 7.32 -1.78
C ALA A 34 -6.80 6.23 -1.24
N ALA A 35 -7.28 5.54 -0.21
CA ALA A 35 -6.45 4.45 0.33
C ALA A 35 -6.29 3.30 -0.68
N THR A 36 -7.33 3.00 -1.43
CA THR A 36 -7.22 1.93 -2.44
C THR A 36 -6.17 2.31 -3.51
N SER A 37 -6.09 3.60 -3.85
CA SER A 37 -5.10 4.04 -4.82
C SER A 37 -3.69 3.89 -4.24
N ILE A 38 -3.55 4.05 -2.93
CA ILE A 38 -2.27 3.86 -2.28
C ILE A 38 -1.91 2.38 -2.32
N ARG A 39 -2.88 1.52 -1.99
CA ARG A 39 -2.64 0.09 -2.07
C ARG A 39 -2.19 -0.31 -3.47
N THR A 40 -2.80 0.30 -4.48
CA THR A 40 -2.47 0.04 -5.88
C THR A 40 -0.98 0.27 -6.20
N ALA A 41 -0.34 1.24 -5.53
CA ALA A 41 1.08 1.46 -5.79
C ALA A 41 1.87 0.23 -5.36
N PHE A 42 1.45 -0.37 -4.25
CA PHE A 42 2.06 -1.61 -3.77
C PHE A 42 1.72 -2.81 -4.65
N VAL A 43 0.44 -2.95 -5.02
CA VAL A 43 0.04 -4.01 -5.94
C VAL A 43 0.94 -4.01 -7.20
N LEU A 44 1.12 -2.82 -7.79
CA LEU A 44 1.88 -2.72 -9.04
C LEU A 44 3.33 -3.09 -8.81
N ALA A 45 3.92 -2.54 -7.75
CA ALA A 45 5.32 -2.79 -7.45
C ALA A 45 5.57 -4.25 -7.10
N ALA A 46 4.66 -4.85 -6.33
CA ALA A 46 4.79 -6.26 -5.99
C ALA A 46 4.72 -7.11 -7.25
N ARG A 47 3.84 -6.73 -8.17
CA ARG A 47 3.74 -7.47 -9.42
C ARG A 47 5.01 -7.35 -10.29
N ARG A 48 5.57 -6.15 -10.37
CA ARG A 48 6.83 -5.98 -11.11
C ARG A 48 7.96 -6.80 -10.50
N ALA A 49 7.91 -7.00 -9.18
CA ALA A 49 8.95 -7.72 -8.45
C ALA A 49 8.73 -9.23 -8.43
N GLY A 50 7.58 -9.69 -8.91
CA GLY A 50 7.33 -11.12 -8.99
C GLY A 50 6.58 -11.67 -7.80
N PHE A 51 5.92 -10.77 -7.05
CA PHE A 51 5.13 -11.20 -5.91
C PHE A 51 3.64 -10.83 -6.04
N PRO A 52 3.00 -11.13 -7.19
CA PRO A 52 1.55 -10.90 -7.20
C PRO A 52 0.93 -11.85 -6.17
N ALA A 53 -0.05 -11.37 -5.41
CA ALA A 53 -0.66 -12.22 -4.39
C ALA A 53 -2.00 -12.81 -4.83
N GLU A 54 -2.28 -14.01 -4.34
CA GLU A 54 -3.55 -14.66 -4.56
C GLU A 54 -4.39 -14.53 -3.29
N THR A 55 -3.70 -14.44 -2.15
CA THR A 55 -4.36 -14.37 -0.84
C THR A 55 -3.77 -13.27 0.06
N VAL A 56 -4.63 -12.59 0.82
CA VAL A 56 -4.14 -11.59 1.78
C VAL A 56 -3.37 -12.21 2.94
N ASP A 57 -3.43 -13.54 3.07
CA ASP A 57 -2.56 -14.23 3.99
C ASP A 57 -1.10 -13.90 3.67
N GLU A 58 -0.82 -13.58 2.40
CA GLU A 58 0.53 -13.17 1.99
C GLU A 58 0.72 -11.65 2.04
N SER A 59 -0.08 -10.93 1.25
CA SER A 59 -0.09 -9.47 1.28
C SER A 59 -1.32 -9.00 0.54
N CYS A 60 -1.54 -7.68 0.51
CA CYS A 60 -2.68 -7.16 -0.22
C CYS A 60 -2.36 -6.87 -1.70
N ALA A 61 -1.27 -7.45 -2.20
CA ALA A 61 -0.94 -7.34 -3.61
C ALA A 61 -1.83 -8.20 -4.47
N VAL A 62 -3.12 -8.29 -4.13
CA VAL A 62 -4.05 -9.05 -4.95
C VAL A 62 -4.65 -8.11 -5.99
N VAL A 63 -5.13 -8.67 -7.09
CA VAL A 63 -5.64 -7.86 -8.18
C VAL A 63 -7.10 -7.47 -7.95
N ARG A 64 -7.69 -8.06 -6.91
CA ARG A 64 -9.12 -7.89 -6.64
C ARG A 64 -9.41 -6.55 -5.96
N GLY A 65 -10.63 -6.05 -6.17
CA GLY A 65 -11.07 -4.82 -5.54
C GLY A 65 -10.44 -3.55 -6.07
N LEU A 66 -10.09 -3.53 -7.35
CA LEU A 66 -9.39 -2.37 -7.91
C LEU A 66 -10.16 -1.75 -9.08
N ASP A 67 -11.40 -2.18 -9.29
CA ASP A 67 -12.23 -1.68 -10.39
C ASP A 67 -12.49 -0.18 -10.31
N ASP A 68 -12.82 0.30 -9.11
CA ASP A 68 -13.16 1.70 -8.93
C ASP A 68 -11.89 2.57 -9.10
N VAL A 69 -10.77 2.08 -8.57
CA VAL A 69 -9.48 2.75 -8.79
C VAL A 69 -9.14 2.81 -10.28
N ALA A 70 -9.37 1.71 -10.99
CA ALA A 70 -9.12 1.67 -12.42
C ALA A 70 -10.00 2.69 -13.12
N GLY A 71 -11.20 2.90 -12.58
CA GLY A 71 -12.08 3.96 -13.03
C GLY A 71 -11.41 5.34 -12.96
N ILE A 72 -10.82 5.67 -11.82
CA ILE A 72 -10.12 6.95 -11.67
C ILE A 72 -8.88 7.04 -12.58
N MET A 73 -8.12 5.95 -12.67
CA MET A 73 -6.94 5.90 -13.53
C MET A 73 -7.30 6.16 -14.97
N ASN A 74 -8.42 5.62 -15.42
CA ASN A 74 -8.91 5.85 -16.77
C ASN A 74 -9.30 7.31 -16.97
N TYR A 75 -9.87 7.93 -15.93
CA TYR A 75 -10.21 9.34 -16.00
C TYR A 75 -8.96 10.19 -16.11
N LEU A 76 -7.99 9.92 -15.25
CA LEU A 76 -6.73 10.67 -15.26
C LEU A 76 -5.99 10.53 -16.60
N SER A 77 -5.93 9.31 -17.13
CA SER A 77 -5.31 9.07 -18.43
C SER A 77 -6.00 9.78 -19.60
N SER A 78 -7.33 9.81 -19.60
CA SER A 78 -8.07 10.56 -20.61
C SER A 78 -7.81 12.06 -20.47
N THR A 79 -7.81 12.52 -19.23
CA THR A 79 -7.53 13.91 -18.89
C THR A 79 -6.09 14.27 -19.25
N TYR A 80 -5.17 13.36 -18.96
CA TYR A 80 -3.76 13.54 -19.28
C TYR A 80 -3.23 12.49 -20.27
N PRO A 81 -3.68 12.57 -21.55
CA PRO A 81 -3.12 11.68 -22.58
C PRO A 81 -1.65 12.06 -22.76
N ALA A 82 -0.88 11.30 -23.53
CA ALA A 82 0.56 11.59 -23.69
C ALA A 82 1.40 11.33 -22.44
N SER A 83 0.76 11.13 -21.30
CA SER A 83 1.45 10.60 -20.14
C SER A 83 1.33 9.09 -20.17
N SER A 84 2.32 8.38 -19.64
CA SER A 84 2.20 6.95 -19.49
C SER A 84 1.23 6.65 -18.35
N THR A 85 0.53 5.53 -18.46
CA THR A 85 -0.43 5.12 -17.44
C THR A 85 0.26 4.79 -16.12
N GLU A 86 1.49 4.27 -16.20
CA GLU A 86 2.27 3.99 -15.00
C GLU A 86 2.63 5.28 -14.24
N ASP A 87 3.05 6.33 -14.95
CA ASP A 87 3.32 7.61 -14.33
C ASP A 87 2.05 8.15 -13.63
N VAL A 88 0.94 8.12 -14.35
CA VAL A 88 -0.33 8.57 -13.81
C VAL A 88 -0.70 7.78 -12.55
N ALA A 89 -0.49 6.47 -12.58
CA ALA A 89 -0.84 5.63 -11.44
C ALA A 89 -0.03 5.99 -10.19
N SER A 90 1.26 6.26 -10.37
CA SER A 90 2.10 6.64 -9.24
C SER A 90 1.69 7.99 -8.65
N LEU A 91 1.24 8.91 -9.50
CA LEU A 91 0.79 10.23 -9.04
C LEU A 91 -0.56 10.17 -8.31
N ALA A 92 -1.41 9.23 -8.72
CA ALA A 92 -2.68 8.98 -8.05
C ALA A 92 -2.44 8.40 -6.65
N ALA A 93 -1.45 7.54 -6.50
CA ALA A 93 -1.11 7.00 -5.19
C ALA A 93 -0.62 8.13 -4.30
N ILE A 94 0.26 8.96 -4.86
CA ILE A 94 0.78 10.12 -4.14
C ILE A 94 -0.35 11.06 -3.75
N ALA A 95 -1.34 11.21 -4.63
CA ALA A 95 -2.51 12.03 -4.32
C ALA A 95 -3.34 11.40 -3.19
N GLY A 96 -3.34 10.07 -3.12
CA GLY A 96 -4.02 9.37 -2.04
C GLY A 96 -3.40 9.72 -0.69
N ILE A 97 -2.07 9.73 -0.63
CA ILE A 97 -1.38 10.10 0.60
C ILE A 97 -1.74 11.54 1.00
N LYS A 98 -1.67 12.45 0.04
CA LYS A 98 -2.05 13.85 0.26
C LYS A 98 -3.47 13.95 0.79
N TYR A 99 -4.39 13.24 0.15
CA TYR A 99 -5.79 13.32 0.53
C TYR A 99 -5.96 12.83 1.96
N LEU A 100 -5.19 11.81 2.33
CA LEU A 100 -5.30 11.23 3.67
C LEU A 100 -4.34 11.85 4.69
N ASN A 101 -3.96 13.11 4.44
CA ASN A 101 -3.14 13.87 5.40
C ASN A 101 -1.80 13.21 5.71
N GLY A 102 -1.27 12.47 4.75
CA GLY A 102 -0.01 11.75 4.93
C GLY A 102 1.19 12.56 4.49
N PRO A 103 2.39 12.05 4.78
CA PRO A 103 3.59 12.77 4.34
C PRO A 103 3.87 12.44 2.88
N TYR A 104 3.78 13.42 2.00
CA TYR A 104 3.93 13.17 0.57
C TYR A 104 4.82 14.22 -0.13
N GLU A 105 5.19 15.26 0.60
CA GLU A 105 5.87 16.41 0.00
C GLU A 105 7.21 16.09 -0.66
N ALA A 106 8.04 15.30 0.03
CA ALA A 106 9.30 14.82 -0.52
C ALA A 106 9.09 13.82 -1.65
N ILE A 107 8.08 12.95 -1.51
CA ILE A 107 7.77 11.99 -2.57
C ILE A 107 7.42 12.74 -3.85
N LEU A 108 6.59 13.78 -3.72
CA LEU A 108 6.18 14.54 -4.89
C LEU A 108 7.33 15.38 -5.46
N ASP A 109 8.07 16.05 -4.58
CA ASP A 109 9.20 16.89 -5.01
C ASP A 109 10.29 16.10 -5.75
N GLN A 110 10.49 14.84 -5.36
CA GLN A 110 11.52 14.00 -5.96
C GLN A 110 10.97 13.05 -7.01
N TRP A 111 9.67 13.15 -7.29
CA TRP A 111 9.02 12.27 -8.26
C TRP A 111 9.70 12.34 -9.62
N ARG A 112 9.96 11.18 -10.20
CA ARG A 112 10.53 11.08 -11.52
C ARG A 112 9.52 10.53 -12.50
N TRP A 113 9.75 10.78 -13.79
CA TRP A 113 8.79 10.41 -14.81
C TRP A 113 9.42 9.50 -15.86
N GLY A 114 8.59 8.99 -16.77
CA GLY A 114 9.08 8.16 -17.85
C GLY A 114 8.89 6.67 -17.61
N ARG A 115 8.05 6.30 -16.64
CA ARG A 115 7.70 4.90 -16.43
C ARG A 115 7.10 4.35 -17.71
N ASN A 116 7.73 3.31 -18.26
CA ASN A 116 7.27 2.67 -19.48
C ASN A 116 6.03 1.84 -19.22
N ASP A 117 4.97 2.09 -20.00
CA ASP A 117 3.86 1.17 -20.03
C ASP A 117 4.36 -0.03 -20.82
N SER A 118 5.11 -0.90 -20.17
CA SER A 118 5.60 -2.08 -20.85
C SER A 118 4.48 -3.13 -20.89
N ASP A 119 4.66 -4.08 -21.78
CA ASP A 119 3.70 -5.15 -21.96
C ASP A 119 4.45 -6.38 -21.50
N THR A 120 4.67 -6.47 -20.20
CA THR A 120 5.49 -7.52 -19.61
C THR A 120 4.64 -8.68 -19.12
N ALA A 121 5.05 -9.90 -19.40
CA ALA A 121 4.35 -11.09 -18.90
C ALA A 121 4.43 -11.15 -17.38
N PRO A 122 3.28 -11.36 -16.71
CA PRO A 122 3.25 -11.48 -15.24
C PRO A 122 4.19 -12.61 -14.79
N THR A 123 4.92 -12.39 -13.70
CA THR A 123 5.81 -13.42 -13.18
C THR A 123 5.43 -13.69 -11.74
N ARG A 124 5.64 -14.91 -11.28
CA ARG A 124 5.45 -15.21 -9.87
C ARG A 124 6.67 -15.97 -9.39
N ASN A 125 7.40 -15.37 -8.44
CA ASN A 125 8.53 -16.04 -7.84
C ASN A 125 8.10 -17.32 -7.13
N ILE A 126 8.99 -18.29 -7.06
CA ILE A 126 8.68 -19.57 -6.44
C ILE A 126 9.53 -19.75 -5.18
N PRO A 127 8.88 -20.02 -4.04
CA PRO A 127 9.63 -20.19 -2.78
C PRO A 127 10.64 -21.32 -2.85
N LYS A 128 11.71 -21.21 -2.06
CA LYS A 128 12.71 -22.26 -2.04
C LYS A 128 12.15 -23.56 -1.46
N ASN A 129 11.31 -23.47 -0.44
CA ASN A 129 10.62 -24.64 0.09
C ASN A 129 9.39 -24.99 -0.75
N PRO A 130 9.36 -26.23 -1.27
CA PRO A 130 8.31 -26.76 -2.14
C PRO A 130 6.93 -26.69 -1.50
N ASN A 131 6.90 -26.85 -0.18
CA ASN A 131 5.63 -26.85 0.56
C ASN A 131 5.34 -25.50 1.21
N GLN A 132 6.08 -24.48 0.79
CA GLN A 132 5.81 -23.11 1.17
C GLN A 132 5.06 -22.45 0.02
N ASN A 133 3.99 -21.73 0.35
CA ASN A 133 3.14 -21.11 -0.67
C ASN A 133 3.14 -19.58 -0.58
N VAL A 134 3.40 -19.06 0.62
CA VAL A 134 3.44 -17.63 0.82
C VAL A 134 4.86 -17.16 1.17
N PHE A 135 5.23 -16.00 0.66
CA PHE A 135 6.52 -15.41 0.98
C PHE A 135 6.39 -14.59 2.25
N SER A 136 7.48 -14.50 3.02
CA SER A 136 7.48 -13.68 4.23
C SER A 136 7.35 -12.21 3.87
N ILE A 137 6.92 -11.40 4.83
CA ILE A 137 6.80 -9.96 4.64
C ILE A 137 8.14 -9.25 4.30
N PRO A 138 9.23 -9.53 5.06
CA PRO A 138 10.51 -8.93 4.69
C PRO A 138 10.97 -9.29 3.28
N THR A 139 10.77 -10.54 2.86
CA THR A 139 11.15 -10.98 1.52
C THR A 139 10.49 -10.11 0.46
N ILE A 140 9.19 -9.88 0.64
CA ILE A 140 8.45 -9.08 -0.31
C ILE A 140 8.88 -7.62 -0.26
N LEU A 141 8.89 -7.04 0.94
CA LEU A 141 9.11 -5.60 1.06
C LEU A 141 10.53 -5.17 0.65
N HIS A 142 11.54 -5.95 1.03
CA HIS A 142 12.91 -5.59 0.68
C HIS A 142 13.03 -5.54 -0.84
N ALA A 143 12.25 -6.38 -1.52
CA ALA A 143 12.36 -6.52 -2.96
C ALA A 143 11.71 -5.37 -3.76
N LEU A 144 11.06 -4.44 -3.07
CA LEU A 144 10.42 -3.29 -3.70
C LEU A 144 11.42 -2.14 -3.91
N GLY A 145 12.55 -2.44 -4.55
CA GLY A 145 13.55 -1.43 -4.85
C GLY A 145 14.83 -1.55 -4.03
N GLY A 146 14.95 -2.60 -3.22
CA GLY A 146 16.06 -2.75 -2.31
C GLY A 146 15.91 -1.84 -1.11
N LEU A 147 14.84 -2.08 -0.34
CA LEU A 147 14.56 -1.29 0.85
C LEU A 147 15.40 -1.75 2.03
N THR A 148 15.76 -0.82 2.92
CA THR A 148 16.38 -1.14 4.20
C THR A 148 15.27 -1.66 5.11
N GLU A 149 15.62 -2.22 6.27
CA GLU A 149 14.57 -2.66 7.18
C GLU A 149 13.75 -1.48 7.71
N ALA A 150 14.40 -0.35 7.93
CA ALA A 150 13.70 0.87 8.35
C ALA A 150 12.63 1.29 7.34
N GLU A 151 12.97 1.22 6.05
CA GLU A 151 12.05 1.58 4.98
C GLU A 151 10.89 0.58 4.89
N CYS A 152 11.20 -0.71 5.04
CA CYS A 152 10.13 -1.74 4.99
C CYS A 152 9.10 -1.46 6.06
N VAL A 153 9.58 -1.25 7.28
CA VAL A 153 8.69 -1.03 8.44
C VAL A 153 7.91 0.27 8.28
N ALA A 154 8.58 1.28 7.74
CA ALA A 154 7.96 2.58 7.51
C ALA A 154 6.78 2.49 6.54
N LEU A 155 6.90 1.58 5.58
CA LEU A 155 5.89 1.47 4.52
C LEU A 155 4.59 0.92 5.07
N LEU A 156 4.68 0.13 6.14
CA LEU A 156 3.47 -0.53 6.66
C LEU A 156 2.49 0.41 7.35
N ALA A 157 2.91 1.66 7.60
CA ALA A 157 1.97 2.66 8.15
C ALA A 157 0.87 3.02 7.17
N CYS A 158 0.97 2.55 5.92
CA CYS A 158 -0.18 2.67 5.01
C CYS A 158 -1.38 1.91 5.57
N HIS A 159 -1.13 0.97 6.47
CA HIS A 159 -2.24 0.25 7.12
C HIS A 159 -3.00 1.10 8.15
N SER A 160 -2.53 2.33 8.35
CA SER A 160 -3.25 3.23 9.24
C SER A 160 -4.45 3.85 8.54
N VAL A 161 -4.56 3.64 7.22
CA VAL A 161 -5.75 4.10 6.46
C VAL A 161 -6.41 2.94 5.74
N GLY A 162 -7.57 3.19 5.15
CA GLY A 162 -8.27 2.20 4.37
C GLY A 162 -9.09 1.22 5.20
N GLU A 163 -9.64 0.21 4.54
CA GLU A 163 -10.41 -0.80 5.25
C GLU A 163 -10.44 -2.12 4.49
N PHE A 164 -11.10 -3.11 5.09
CA PHE A 164 -11.22 -4.45 4.50
C PHE A 164 -12.41 -4.55 3.57
N HIS A 165 -12.28 -5.34 2.51
CA HIS A 165 -13.38 -5.55 1.56
C HIS A 165 -13.72 -7.02 1.36
N GLU A 166 -14.99 -7.30 1.09
CA GLU A 166 -15.47 -8.68 0.99
C GLU A 166 -14.88 -9.43 -0.22
N ASN A 167 -14.55 -8.72 -1.28
CA ASN A 167 -13.97 -9.36 -2.47
C ASN A 167 -12.44 -9.38 -2.49
N VAL A 168 -11.83 -8.89 -1.41
CA VAL A 168 -10.38 -8.91 -1.26
C VAL A 168 -9.97 -9.84 -0.11
N SER A 169 -10.29 -9.44 1.12
CA SER A 169 -9.98 -10.27 2.29
C SER A 169 -11.09 -11.24 2.63
N GLY A 170 -12.31 -10.91 2.21
CA GLY A 170 -13.44 -11.77 2.48
C GLY A 170 -14.33 -11.26 3.62
N LEU A 171 -14.00 -10.07 4.13
CA LEU A 171 -14.81 -9.46 5.19
C LEU A 171 -14.88 -7.94 5.00
N GLU A 172 -15.89 -7.35 5.64
CA GLU A 172 -16.26 -5.94 5.49
C GLU A 172 -16.31 -5.36 6.91
N SER A 173 -16.35 -4.03 7.02
CA SER A 173 -16.56 -3.36 8.33
C SER A 173 -15.44 -3.67 9.32
N ALA A 174 -14.20 -3.62 8.83
CA ALA A 174 -13.04 -3.81 9.67
C ALA A 174 -11.93 -2.96 9.08
N THR A 175 -10.99 -2.55 9.92
CA THR A 175 -9.82 -1.80 9.49
C THR A 175 -8.64 -2.38 10.24
N HIS A 176 -7.42 -1.94 9.94
CA HIS A 176 -6.27 -2.41 10.69
C HIS A 176 -6.19 -1.80 12.09
N THR A 177 -6.53 -0.52 12.21
CA THR A 177 -6.26 0.24 13.43
C THR A 177 -7.49 0.96 14.02
N GLY A 178 -8.64 0.80 13.39
CA GLY A 178 -9.85 1.41 13.92
C GLY A 178 -10.16 2.74 13.29
N ARG A 179 -9.26 3.21 12.43
CA ARG A 179 -9.45 4.47 11.72
C ARG A 179 -9.08 4.32 10.25
N ARG A 180 -9.55 5.27 9.44
CA ARG A 180 -9.47 5.11 7.99
C ARG A 180 -8.84 6.28 7.23
N TYR A 181 -8.84 7.47 7.82
CA TYR A 181 -8.60 8.66 7.00
C TYR A 181 -7.34 9.50 7.30
N THR A 182 -6.48 9.05 8.21
CA THR A 182 -5.22 9.76 8.46
C THR A 182 -4.02 8.82 8.37
N LEU A 183 -3.14 9.08 7.40
CA LEU A 183 -1.97 8.21 7.23
C LEU A 183 -0.82 8.76 8.07
N ASN A 184 -0.69 8.21 9.28
CA ASN A 184 0.41 8.59 10.17
C ASN A 184 0.96 7.38 10.91
N ASN A 185 1.71 7.63 11.97
CA ASN A 185 2.39 6.55 12.70
C ASN A 185 1.52 5.88 13.76
N ARG A 186 0.21 6.08 13.68
CA ARG A 186 -0.69 5.49 14.68
C ARG A 186 -0.66 3.96 14.59
N TYR A 187 -0.42 3.45 13.38
CA TYR A 187 -0.27 2.02 13.12
C TYR A 187 0.66 1.35 14.15
N TYR A 188 1.85 1.93 14.34
CA TYR A 188 2.83 1.38 15.27
C TYR A 188 2.34 1.43 16.71
N GLN A 189 1.71 2.54 17.07
CA GLN A 189 1.20 2.73 18.41
C GLN A 189 0.11 1.71 18.67
N PHE A 190 -0.72 1.47 17.66
CA PHE A 190 -1.84 0.55 17.77
C PHE A 190 -1.37 -0.89 17.99
N LEU A 191 -0.44 -1.34 17.15
CA LEU A 191 0.11 -2.69 17.25
C LEU A 191 0.69 -2.95 18.64
N LEU A 192 1.54 -2.04 19.11
CA LEU A 192 2.19 -2.17 20.41
C LEU A 192 1.15 -2.20 21.55
N GLU A 193 0.11 -1.40 21.42
CA GLU A 193 -0.90 -1.34 22.49
C GLU A 193 -1.71 -2.62 22.60
N HIS A 194 -2.04 -3.21 21.45
CA HIS A 194 -2.96 -4.34 21.43
C HIS A 194 -2.31 -5.67 21.10
N GLU A 195 -0.99 -5.68 21.00
CA GLU A 195 -0.22 -6.86 20.62
C GLU A 195 -0.67 -8.15 21.29
N ARG A 196 -0.84 -8.12 22.60
CA ARG A 196 -1.18 -9.33 23.35
C ARG A 196 -2.67 -9.68 23.37
N ALA A 197 -3.51 -8.84 22.78
CA ALA A 197 -4.96 -9.06 22.80
C ALA A 197 -5.51 -9.59 21.47
N PHE A 198 -4.69 -9.61 20.44
CA PHE A 198 -5.11 -10.14 19.15
C PHE A 198 -5.41 -11.64 19.22
N ALA A 199 -6.57 -12.04 18.67
CA ALA A 199 -6.98 -13.43 18.69
C ALA A 199 -7.24 -13.89 17.25
N PRO A 200 -7.09 -15.19 16.98
CA PRO A 200 -7.35 -15.74 15.64
C PRO A 200 -8.75 -15.38 15.16
N LEU A 201 -8.88 -15.01 13.89
CA LEU A 201 -10.18 -14.68 13.32
C LEU A 201 -10.53 -15.68 12.23
N THR A 202 -11.71 -16.28 12.33
CA THR A 202 -12.18 -17.17 11.28
C THR A 202 -12.97 -16.34 10.28
N VAL A 203 -12.54 -16.35 9.03
CA VAL A 203 -13.32 -15.69 7.99
C VAL A 203 -14.24 -16.75 7.38
N ALA A 204 -15.54 -16.60 7.59
CA ALA A 204 -16.52 -17.57 7.09
C ALA A 204 -16.86 -17.34 5.63
N ARG A 205 -17.17 -18.43 4.93
CA ARG A 205 -17.73 -18.36 3.58
C ARG A 205 -19.11 -17.73 3.66
N THR A 206 -19.34 -16.65 2.90
CA THR A 206 -20.66 -16.03 2.80
C THR A 206 -21.04 -15.82 1.35
N GLN A 207 -22.26 -15.34 1.13
CA GLN A 207 -22.74 -15.03 -0.21
C GLN A 207 -22.06 -13.79 -0.79
N TYR A 208 -21.30 -13.07 0.03
CA TYR A 208 -20.70 -11.81 -0.40
C TYR A 208 -19.19 -11.90 -0.63
N ASN A 209 -18.55 -12.99 -0.20
CA ASN A 209 -17.10 -13.12 -0.36
C ASN A 209 -16.67 -14.22 -1.34
N LYS A 210 -17.53 -14.53 -2.30
CA LYS A 210 -17.27 -15.60 -3.27
C LYS A 210 -16.06 -15.34 -4.16
N GLU A 211 -15.65 -14.08 -4.31
CA GLU A 211 -14.48 -13.75 -5.14
C GLU A 211 -13.18 -14.19 -4.47
N VAL A 212 -13.24 -14.45 -3.17
CA VAL A 212 -12.07 -14.91 -2.43
C VAL A 212 -12.12 -16.43 -2.40
N ALA A 213 -11.33 -17.04 -3.29
CA ALA A 213 -11.42 -18.48 -3.56
C ALA A 213 -11.07 -19.28 -2.32
N THR A 214 -10.02 -18.85 -1.63
CA THR A 214 -9.60 -19.48 -0.40
C THR A 214 -9.53 -18.40 0.69
N LEU A 215 -10.38 -18.53 1.70
CA LEU A 215 -10.46 -17.51 2.74
C LEU A 215 -9.21 -17.49 3.60
N PRO A 216 -8.78 -16.31 4.03
CA PRO A 216 -7.52 -16.22 4.78
C PRO A 216 -7.62 -16.89 6.15
N GLN A 217 -6.51 -17.47 6.60
CA GLN A 217 -6.49 -18.25 7.82
C GLN A 217 -5.58 -17.64 8.88
N THR A 218 -4.85 -16.59 8.52
CA THR A 218 -3.85 -16.02 9.41
C THR A 218 -4.28 -14.65 9.92
N LEU A 219 -5.52 -14.26 9.65
CA LEU A 219 -5.97 -12.96 10.15
C LEU A 219 -6.21 -13.03 11.65
N ARG A 220 -5.84 -11.97 12.35
CA ARG A 220 -6.12 -11.90 13.78
C ARG A 220 -6.85 -10.61 14.09
N CYS A 221 -7.47 -10.57 15.26
CA CYS A 221 -8.51 -9.59 15.49
C CYS A 221 -8.53 -9.09 16.93
N VAL A 222 -8.72 -7.77 17.07
CA VAL A 222 -9.07 -7.19 18.36
C VAL A 222 -10.28 -6.27 18.16
N TYR A 223 -11.14 -6.19 19.18
CA TYR A 223 -12.27 -5.27 19.15
C TYR A 223 -11.98 -4.11 20.09
N VAL A 224 -12.04 -2.90 19.57
CA VAL A 224 -11.63 -1.72 20.30
C VAL A 224 -12.82 -0.76 20.42
N LYS A 225 -13.02 -0.20 21.61
CA LYS A 225 -14.08 0.78 21.81
C LYS A 225 -13.58 2.18 21.45
N ALA A 232 -19.97 4.44 22.41
CA ALA A 232 -19.33 3.44 23.25
C ALA A 232 -19.47 2.04 22.62
N LYS A 233 -19.22 1.96 21.32
CA LYS A 233 -19.37 0.71 20.57
C LYS A 233 -18.00 0.16 20.16
N LYS A 234 -17.95 -1.12 19.80
CA LYS A 234 -16.67 -1.73 19.40
C LYS A 234 -16.41 -1.70 17.90
N ARG A 235 -15.17 -1.40 17.53
CA ARG A 235 -14.69 -1.45 16.15
C ARG A 235 -13.83 -2.70 15.99
N GLN A 236 -14.04 -3.44 14.90
CA GLN A 236 -13.26 -4.64 14.66
C GLN A 236 -11.98 -4.23 13.97
N CYS A 237 -10.85 -4.58 14.58
CA CYS A 237 -9.54 -4.24 14.03
C CYS A 237 -8.80 -5.53 13.72
N VAL A 238 -8.27 -5.60 12.50
CA VAL A 238 -7.80 -6.87 11.94
C VAL A 238 -6.40 -6.70 11.39
N VAL A 239 -5.50 -7.63 11.71
CA VAL A 239 -4.10 -7.57 11.25
C VAL A 239 -3.62 -9.00 10.95
N ASN A 240 -2.82 -9.15 9.90
CA ASN A 240 -2.20 -10.45 9.59
C ASN A 240 -1.36 -10.96 10.75
N ALA A 241 -1.43 -12.26 11.02
CA ALA A 241 -0.55 -12.89 12.01
C ALA A 241 0.91 -12.54 11.75
N ALA A 242 1.29 -12.56 10.48
CA ALA A 242 2.67 -12.24 10.07
C ALA A 242 3.13 -10.83 10.47
N GLU A 243 2.23 -9.86 10.37
CA GLU A 243 2.53 -8.48 10.77
C GLU A 243 2.77 -8.40 12.27
N LEU A 244 2.05 -9.21 13.04
CA LEU A 244 2.20 -9.26 14.48
C LEU A 244 3.43 -10.06 14.92
N GLU A 245 3.74 -11.13 14.19
CA GLU A 245 4.85 -11.99 14.59
C GLU A 245 6.17 -11.26 14.45
N LEU A 246 6.21 -10.28 13.55
CA LEU A 246 7.40 -9.45 13.36
C LEU A 246 7.71 -8.59 14.59
N LEU A 247 6.69 -8.32 15.41
CA LEU A 247 6.90 -7.62 16.69
C LEU A 247 7.77 -8.43 17.65
N LYS A 248 7.99 -9.71 17.32
CA LYS A 248 8.84 -10.58 18.13
C LYS A 248 10.29 -10.51 17.67
N ASN A 249 10.50 -10.09 16.43
CA ASN A 249 11.85 -9.87 15.94
C ASN A 249 12.43 -8.59 16.54
N LYS A 250 13.64 -8.70 17.09
CA LYS A 250 14.26 -7.60 17.81
C LYS A 250 14.42 -6.31 17.00
N THR A 251 14.99 -6.41 15.81
CA THR A 251 15.25 -5.22 15.00
C THR A 251 13.97 -4.62 14.43
N TRP A 252 13.05 -5.47 14.00
CA TRP A 252 11.75 -5.02 13.48
C TRP A 252 10.98 -4.26 14.57
N ARG A 253 10.89 -4.88 15.75
CA ARG A 253 10.18 -4.27 16.87
C ARG A 253 10.78 -2.93 17.30
N GLU A 254 12.11 -2.84 17.37
CA GLU A 254 12.73 -1.57 17.73
C GLU A 254 12.38 -0.45 16.73
N LEU A 255 12.20 -0.82 15.47
CA LEU A 255 11.76 0.17 14.48
C LEU A 255 10.29 0.55 14.70
N VAL A 256 9.45 -0.43 15.07
CA VAL A 256 8.05 -0.15 15.37
C VAL A 256 7.95 0.74 16.61
N VAL A 257 8.70 0.39 17.65
CA VAL A 257 8.76 1.19 18.88
C VAL A 257 9.23 2.62 18.59
N ARG A 258 10.28 2.73 17.80
CA ARG A 258 10.86 4.01 17.43
C ARG A 258 9.89 4.91 16.63
N TYR A 259 9.17 4.32 15.68
CA TYR A 259 8.24 5.07 14.83
C TYR A 259 7.01 5.47 15.62
N ALA A 260 6.67 4.67 16.63
CA ALA A 260 5.52 4.97 17.48
C ALA A 260 5.77 6.24 18.30
N ALA A 261 7.04 6.49 18.62
CA ALA A 261 7.42 7.61 19.46
C ALA A 261 7.95 8.80 18.66
N ASP A 262 8.44 8.54 17.45
CA ASP A 262 9.17 9.53 16.65
C ASP A 262 8.55 9.69 15.27
N GLU A 263 7.51 10.51 15.19
CA GLU A 263 6.78 10.68 13.93
C GLU A 263 7.65 11.32 12.86
N GLU A 264 8.54 12.22 13.27
CA GLU A 264 9.41 12.90 12.31
C GLU A 264 10.33 11.89 11.59
N LEU A 265 10.92 11.00 12.36
CA LEU A 265 11.79 9.98 11.77
C LEU A 265 10.98 9.08 10.86
N TRP A 266 9.79 8.68 11.31
CA TRP A 266 8.94 7.85 10.49
C TRP A 266 8.61 8.50 9.15
N ARG A 267 8.25 9.79 9.17
CA ARG A 267 7.90 10.47 7.91
C ARG A 267 9.05 10.45 6.89
N GLU A 268 10.27 10.61 7.38
CA GLU A 268 11.44 10.60 6.52
C GLU A 268 11.60 9.23 5.84
N GLN A 269 11.56 8.19 6.65
CA GLN A 269 11.72 6.82 6.17
C GLN A 269 10.57 6.39 5.26
N PHE A 270 9.37 6.84 5.58
CA PHE A 270 8.19 6.51 4.78
C PHE A 270 8.34 7.04 3.36
N GLN A 271 8.72 8.31 3.24
CA GLN A 271 8.77 8.94 1.93
C GLN A 271 9.91 8.33 1.11
N SER A 272 11.01 8.02 1.79
CA SER A 272 12.11 7.38 1.10
C SER A 272 11.72 5.98 0.60
N ALA A 273 11.03 5.21 1.45
CA ALA A 273 10.54 3.89 1.06
C ALA A 273 9.53 3.98 -0.07
N PHE A 274 8.58 4.90 0.05
CA PHE A 274 7.49 4.94 -0.93
C PHE A 274 8.04 5.31 -2.29
N THR A 275 8.96 6.26 -2.31
CA THR A 275 9.63 6.60 -3.57
C THR A 275 10.38 5.41 -4.19
N LYS A 276 11.17 4.67 -3.41
CA LYS A 276 11.84 3.48 -3.94
CA LYS A 276 11.84 3.48 -3.94
C LYS A 276 10.82 2.49 -4.50
N MET A 277 9.73 2.30 -3.77
CA MET A 277 8.71 1.37 -4.22
C MET A 277 8.14 1.75 -5.58
N ILE A 278 7.78 3.02 -5.76
CA ILE A 278 7.12 3.42 -7.00
C ILE A 278 8.11 3.60 -8.15
N GLU A 279 9.41 3.56 -7.85
CA GLU A 279 10.44 3.60 -8.90
C GLU A 279 11.02 2.22 -9.16
N SER A 280 10.74 1.28 -8.26
CA SER A 280 11.32 -0.07 -8.36
C SER A 280 10.96 -0.81 -9.65
N ASN A 281 11.97 -1.46 -10.23
CA ASN A 281 11.79 -2.22 -11.46
C ASN A 281 11.30 -1.38 -12.63
N PHE A 282 11.68 -0.10 -12.64
CA PHE A 282 11.51 0.75 -13.81
C PHE A 282 12.90 1.20 -14.26
N LYS A 283 13.15 1.24 -15.57
CA LYS A 283 14.44 1.73 -16.05
C LYS A 283 14.40 3.11 -16.69
N ARG A 284 15.51 3.83 -16.59
CA ARG A 284 15.68 5.12 -17.25
C ARG A 284 14.58 6.11 -16.88
N LEU A 285 14.28 6.18 -15.58
CA LEU A 285 13.38 7.22 -15.07
C LEU A 285 14.09 8.58 -15.16
N ARG A 286 13.32 9.62 -15.44
CA ARG A 286 13.91 10.91 -15.71
C ARG A 286 13.61 11.92 -14.60
N PRO A 287 14.64 12.67 -14.17
CA PRO A 287 14.43 13.75 -13.21
C PRO A 287 13.43 14.76 -13.74
N TYR A 288 12.53 15.22 -12.89
CA TYR A 288 11.43 16.08 -13.29
C TYR A 288 11.91 17.50 -13.54
N SER A 289 11.28 18.16 -14.51
CA SER A 289 11.53 19.55 -14.81
C SER A 289 10.16 20.17 -15.03
N ASP A 290 9.95 21.39 -14.56
CA ASP A 290 8.67 22.04 -14.80
C ASP A 290 8.55 22.33 -16.29
N PRO A 291 7.45 21.86 -16.91
CA PRO A 291 7.26 21.97 -18.37
C PRO A 291 7.06 23.41 -18.81
N ASN A 292 6.74 24.29 -17.85
CA ASN A 292 6.43 25.68 -18.16
C ASN A 292 7.61 26.62 -17.92
CHA HEM B . -5.10 -3.18 2.88
CHB HEM B . -2.36 -6.93 4.34
CHC HEM B . 1.50 -4.62 2.52
CHD HEM B . -1.13 -0.59 1.75
C1A HEM B . -4.68 -4.40 3.35
C2A HEM B . -5.58 -5.46 3.75
C3A HEM B . -4.84 -6.50 4.14
C4A HEM B . -3.43 -6.13 4.02
CMA HEM B . -5.38 -7.85 4.64
CAA HEM B . -7.11 -5.41 3.67
CBA HEM B . -7.41 -5.60 2.16
CGA HEM B . -8.88 -5.57 1.84
O1A HEM B . -9.63 -6.45 2.34
O2A HEM B . -9.32 -4.69 1.04
C1B HEM B . -1.06 -6.66 3.96
C2B HEM B . 0.11 -7.50 4.17
C3B HEM B . 1.18 -6.89 3.65
C4B HEM B . 0.74 -5.60 3.13
CMB HEM B . 0.07 -8.88 4.84
CAB HEM B . 2.60 -7.50 3.69
CBB HEM B . 3.53 -7.19 2.77
C1C HEM B . 1.15 -3.33 2.17
C2C HEM B . 2.04 -2.29 1.63
C3C HEM B . 1.29 -1.17 1.41
C4C HEM B . -0.08 -1.48 1.81
CMC HEM B . 3.56 -2.50 1.37
CAC HEM B . 1.64 0.22 0.85
CBC HEM B . 2.82 0.53 0.31
C1D HEM B . -2.44 -0.89 1.99
C2D HEM B . -3.55 0.05 1.91
C3D HEM B . -4.79 -0.76 2.27
C4D HEM B . -4.31 -2.11 2.53
CMD HEM B . -3.48 1.54 1.53
CAD HEM B . -6.25 -0.25 2.31
CBD HEM B . -6.78 -0.43 0.88
CGD HEM B . -8.22 -0.02 0.76
O1D HEM B . -8.84 -0.30 -0.31
O2D HEM B . -8.74 0.59 1.72
NA HEM B . -3.37 -4.84 3.53
NB HEM B . -0.63 -5.51 3.33
NC HEM B . -0.14 -2.80 2.26
ND HEM B . -2.93 -2.14 2.38
FE HEM B . -1.80 -3.87 2.83
#